data_8CBI
#
_entry.id   8CBI
#
_cell.length_a   56.403
_cell.length_b   80.953
_cell.length_c   61.793
_cell.angle_alpha   90.000
_cell.angle_beta   110.740
_cell.angle_gamma   90.000
#
_symmetry.space_group_name_H-M   'P 1 21 1'
#
loop_
_entity.id
_entity.type
_entity.pdbx_description
1 polymer 'Listeriolysin regulatory protein'
2 polymer 'peptide Thr-Lys-PRO-ARG'
3 non-polymer 'SODIUM ION'
4 water water
#
loop_
_entity_poly.entity_id
_entity_poly.type
_entity_poly.pdbx_seq_one_letter_code
_entity_poly.pdbx_strand_id
1 'polypeptide(L)'
;GAMNAQAEEFKKYLETNGIKPKQFHKKELIFNQWDPQEYCIFLYDGITKLTSISENGTIMNLQYYKGAFVIMSGFIDTET
SVGYYNLEVISEQATAYVIKINELKELLSKNLTHFFYVFQTLQKQVSYSLAKFNDFSINGKLGSICGQLLILTYVYGKET
PDGIKITLDNLTMQELGYSSGIAHSSAVSRIISKLKQEKVIVYKNSCFYVQNLDYLKRYAPKLDEWFYLACPATWGKLN
;
A,B
2 'polypeptide(L)' TKPR D,C
#
# COMPACT_ATOMS: atom_id res chain seq x y z
N ASN A 4 -0.82 -17.77 -15.05
CA ASN A 4 -1.31 -16.40 -15.10
C ASN A 4 -1.55 -15.99 -16.55
N ALA A 5 -2.75 -16.26 -17.05
CA ALA A 5 -3.06 -15.99 -18.44
C ALA A 5 -3.06 -14.50 -18.75
N GLN A 6 -3.48 -13.66 -17.81
CA GLN A 6 -3.42 -12.22 -18.02
C GLN A 6 -1.99 -11.77 -18.27
N ALA A 7 -1.03 -12.31 -17.52
CA ALA A 7 0.37 -11.94 -17.72
C ALA A 7 0.88 -12.41 -19.07
N GLU A 8 0.52 -13.62 -19.48
CA GLU A 8 0.92 -14.10 -20.80
C GLU A 8 0.38 -13.19 -21.90
N GLU A 9 -0.91 -12.83 -21.79
CA GLU A 9 -1.49 -11.93 -22.78
C GLU A 9 -0.81 -10.57 -22.76
N PHE A 10 -0.42 -10.10 -21.56
CA PHE A 10 0.27 -8.82 -21.46
C PHE A 10 1.63 -8.87 -22.14
N LYS A 11 2.37 -9.95 -21.93
CA LYS A 11 3.68 -10.05 -22.58
C LYS A 11 3.53 -10.15 -24.09
N LYS A 12 2.53 -10.89 -24.56
CA LYS A 12 2.33 -10.98 -26.00
C LYS A 12 1.96 -9.62 -26.58
N TYR A 13 1.15 -8.85 -25.85
CA TYR A 13 0.85 -7.49 -26.26
C TYR A 13 2.12 -6.65 -26.34
N LEU A 14 2.98 -6.75 -25.31
CA LEU A 14 4.20 -5.97 -25.29
C LEU A 14 5.10 -6.32 -26.48
N GLU A 15 5.28 -7.61 -26.74
CA GLU A 15 6.18 -8.04 -27.80
C GLU A 15 5.63 -7.70 -29.17
N THR A 16 4.32 -7.90 -29.39
CA THR A 16 3.72 -7.48 -30.64
C THR A 16 3.91 -6.00 -30.89
N ASN A 17 4.17 -5.21 -29.83
CA ASN A 17 4.46 -3.80 -29.96
C ASN A 17 5.95 -3.50 -29.83
N GLY A 18 6.79 -4.51 -30.03
CA GLY A 18 8.21 -4.28 -30.18
C GLY A 18 9.00 -4.15 -28.89
N ILE A 19 8.43 -4.56 -27.77
CA ILE A 19 9.13 -4.54 -26.49
C ILE A 19 9.67 -5.93 -26.23
N LYS A 20 10.97 -6.03 -26.03
CA LYS A 20 11.67 -7.30 -25.98
C LYS A 20 12.05 -7.66 -24.55
N PRO A 21 12.02 -8.94 -24.20
CA PRO A 21 12.42 -9.33 -22.85
C PRO A 21 13.91 -9.10 -22.61
N LYS A 22 14.22 -8.62 -21.40
CA LYS A 22 15.59 -8.52 -20.94
C LYS A 22 15.80 -9.46 -19.77
N GLN A 23 17.03 -9.95 -19.63
CA GLN A 23 17.41 -10.82 -18.54
C GLN A 23 18.38 -10.10 -17.63
N PHE A 24 18.29 -10.42 -16.34
CA PHE A 24 19.09 -9.81 -15.29
C PHE A 24 19.59 -10.90 -14.36
N HIS A 25 20.74 -10.65 -13.75
CA HIS A 25 21.36 -11.58 -12.82
C HIS A 25 21.19 -11.07 -11.39
N LYS A 26 21.49 -11.94 -10.43
CA LYS A 26 21.34 -11.58 -9.03
C LYS A 26 22.15 -10.32 -8.70
N LYS A 27 21.60 -9.51 -7.79
CA LYS A 27 22.22 -8.27 -7.33
C LYS A 27 22.20 -7.18 -8.40
N GLU A 28 21.76 -7.51 -9.62
CA GLU A 28 21.68 -6.51 -10.68
C GLU A 28 20.42 -5.66 -10.50
N LEU A 29 20.55 -4.38 -10.79
CA LEU A 29 19.47 -3.41 -10.58
C LEU A 29 18.74 -3.15 -11.89
N ILE A 30 17.42 -3.34 -11.87
CA ILE A 30 16.61 -3.05 -13.06
C ILE A 30 16.45 -1.55 -13.24
N PHE A 31 16.23 -0.82 -12.14
CA PHE A 31 16.37 0.63 -12.12
C PHE A 31 16.79 1.03 -10.72
N ASN A 32 17.43 2.20 -10.63
CA ASN A 32 17.90 2.72 -9.36
C ASN A 32 17.19 4.03 -9.03
N GLN A 33 17.42 4.51 -7.82
CA GLN A 33 16.65 5.61 -7.26
C GLN A 33 17.08 6.98 -7.78
N TRP A 34 18.22 7.06 -8.46
CA TRP A 34 18.68 8.32 -9.03
C TRP A 34 18.35 8.44 -10.51
N ASP A 35 17.66 7.47 -11.08
CA ASP A 35 17.34 7.50 -12.50
C ASP A 35 16.28 8.56 -12.77
N PRO A 36 16.55 9.60 -13.56
CA PRO A 36 15.51 10.60 -13.85
C PRO A 36 14.47 10.10 -14.84
N GLN A 37 14.68 8.95 -15.46
CA GLN A 37 13.71 8.37 -16.38
C GLN A 37 12.81 7.42 -15.60
N GLU A 38 11.50 7.66 -15.66
CA GLU A 38 10.53 6.82 -14.97
C GLU A 38 10.11 5.67 -15.88
N TYR A 39 9.98 4.48 -15.30
CA TYR A 39 9.75 3.26 -16.05
C TYR A 39 8.48 2.55 -15.61
N CYS A 40 8.12 1.53 -16.39
CA CYS A 40 7.18 0.49 -16.01
C CYS A 40 7.86 -0.85 -16.26
N ILE A 41 8.15 -1.58 -15.20
CA ILE A 41 8.80 -2.88 -15.28
C ILE A 41 7.72 -3.94 -15.21
N PHE A 42 7.52 -4.66 -16.31
CA PHE A 42 6.72 -5.88 -16.29
C PHE A 42 7.67 -7.03 -15.94
N LEU A 43 7.82 -7.29 -14.65
CA LEU A 43 8.64 -8.40 -14.18
C LEU A 43 7.93 -9.69 -14.56
N TYR A 44 8.43 -10.39 -15.57
CA TYR A 44 7.77 -11.59 -16.05
C TYR A 44 8.18 -12.83 -15.27
N ASP A 45 9.45 -12.91 -14.85
CA ASP A 45 9.91 -14.09 -14.14
C ASP A 45 11.03 -13.71 -13.19
N GLY A 46 11.07 -14.37 -12.05
CA GLY A 46 12.11 -14.15 -11.06
C GLY A 46 11.57 -13.39 -9.86
N ILE A 47 12.49 -13.12 -8.93
CA ILE A 47 12.17 -12.44 -7.67
C ILE A 47 13.06 -11.22 -7.53
N THR A 48 12.48 -10.12 -7.06
CA THR A 48 13.20 -8.86 -6.88
C THR A 48 12.76 -8.22 -5.58
N LYS A 49 13.50 -7.19 -5.18
CA LYS A 49 13.19 -6.42 -4.00
C LYS A 49 13.30 -4.93 -4.30
N LEU A 50 12.32 -4.19 -3.81
CA LEU A 50 12.32 -2.73 -3.86
C LEU A 50 12.96 -2.23 -2.57
N THR A 51 14.08 -1.52 -2.71
CA THR A 51 14.87 -1.03 -1.59
C THR A 51 15.09 0.48 -1.74
N SER A 52 15.49 1.09 -0.63
CA SER A 52 15.78 2.52 -0.59
C SER A 52 17.15 2.74 0.04
N ILE A 53 17.81 3.81 -0.40
CA ILE A 53 19.11 4.20 0.13
C ILE A 53 18.94 5.53 0.83
N SER A 54 19.19 5.55 2.13
CA SER A 54 19.09 6.78 2.91
C SER A 54 20.36 7.61 2.77
N GLU A 55 20.29 8.84 3.25
CA GLU A 55 21.37 9.80 3.04
C GLU A 55 22.71 9.26 3.56
N ASN A 56 22.69 8.53 4.67
CA ASN A 56 23.92 7.99 5.23
C ASN A 56 24.29 6.64 4.64
N GLY A 57 23.64 6.23 3.55
CA GLY A 57 24.01 5.02 2.85
C GLY A 57 23.40 3.74 3.36
N THR A 58 22.59 3.79 4.42
CA THR A 58 21.94 2.58 4.92
C THR A 58 20.92 2.10 3.92
N ILE A 59 20.94 0.79 3.64
CA ILE A 59 20.03 0.18 2.69
C ILE A 59 18.86 -0.43 3.47
N MET A 60 17.64 -0.03 3.11
CA MET A 60 16.42 -0.60 3.68
C MET A 60 15.69 -1.37 2.59
N ASN A 61 15.28 -2.59 2.91
CA ASN A 61 14.47 -3.40 2.01
C ASN A 61 13.02 -3.09 2.30
N LEU A 62 12.30 -2.62 1.28
CA LEU A 62 10.93 -2.14 1.45
C LEU A 62 9.89 -3.16 1.01
N GLN A 63 10.05 -3.75 -0.17
CA GLN A 63 9.05 -4.68 -0.67
C GLN A 63 9.72 -5.77 -1.47
N TYR A 64 8.98 -6.85 -1.71
CA TYR A 64 9.42 -7.91 -2.60
C TYR A 64 8.37 -8.12 -3.69
N TYR A 65 8.85 -8.53 -4.87
CA TYR A 65 7.96 -8.83 -5.98
C TYR A 65 8.46 -10.09 -6.68
N LYS A 66 7.53 -10.84 -7.24
CA LYS A 66 7.86 -11.99 -8.08
C LYS A 66 7.02 -11.90 -9.34
N GLY A 67 7.61 -12.25 -10.48
CA GLY A 67 6.86 -12.26 -11.71
C GLY A 67 5.76 -13.31 -11.68
N ALA A 68 4.69 -13.07 -12.43
CA ALA A 68 4.50 -11.87 -13.24
C ALA A 68 3.90 -10.75 -12.40
N PHE A 69 4.46 -9.54 -12.51
CA PHE A 69 3.91 -8.40 -11.80
C PHE A 69 4.37 -7.13 -12.50
N VAL A 70 3.74 -6.01 -12.12
CA VAL A 70 4.03 -4.71 -12.70
C VAL A 70 4.51 -3.81 -11.58
N ILE A 71 5.71 -3.25 -11.75
CA ILE A 71 6.25 -2.22 -10.86
C ILE A 71 6.36 -0.94 -11.68
N MET A 72 6.06 0.20 -11.06
CA MET A 72 6.12 1.47 -11.79
C MET A 72 6.80 2.52 -10.93
N SER A 73 7.83 3.15 -11.50
CA SER A 73 8.60 4.18 -10.82
C SER A 73 8.07 5.58 -11.08
N GLY A 74 7.11 5.76 -11.98
CA GLY A 74 6.53 7.07 -12.21
C GLY A 74 5.01 6.98 -12.31
N PHE A 75 4.37 8.13 -12.12
CA PHE A 75 2.94 8.23 -12.32
C PHE A 75 2.60 8.12 -13.80
N ILE A 76 1.44 7.53 -14.09
CA ILE A 76 1.14 7.17 -15.47
C ILE A 76 0.79 8.40 -16.30
N ASP A 77 0.14 9.40 -15.71
CA ASP A 77 -0.26 10.58 -16.48
C ASP A 77 0.77 11.71 -16.35
N THR A 78 1.11 12.10 -15.13
CA THR A 78 2.09 13.18 -14.94
C THR A 78 3.48 12.75 -15.37
N GLU A 79 3.80 11.46 -15.29
CA GLU A 79 5.08 10.90 -15.70
C GLU A 79 6.23 11.35 -14.80
N THR A 80 5.93 11.90 -13.62
CA THR A 80 6.95 12.18 -12.64
C THR A 80 7.09 11.01 -11.67
N SER A 81 8.11 11.10 -10.80
CA SER A 81 8.44 9.99 -9.93
C SER A 81 7.39 9.80 -8.84
N VAL A 82 7.08 8.54 -8.53
CA VAL A 82 6.23 8.22 -7.38
C VAL A 82 7.04 7.97 -6.13
N GLY A 83 8.36 8.05 -6.23
CA GLY A 83 9.24 7.67 -5.14
C GLY A 83 10.53 7.10 -5.67
N TYR A 84 11.65 7.49 -5.06
CA TYR A 84 12.97 7.11 -5.53
C TYR A 84 13.35 5.78 -4.88
N TYR A 85 13.44 4.73 -5.68
CA TYR A 85 13.69 3.39 -5.18
C TYR A 85 14.63 2.66 -6.13
N ASN A 86 15.09 1.50 -5.68
CA ASN A 86 15.89 0.59 -6.48
C ASN A 86 15.19 -0.76 -6.56
N LEU A 87 15.18 -1.36 -7.73
CA LEU A 87 14.60 -2.69 -7.94
C LEU A 87 15.74 -3.65 -8.22
N GLU A 88 16.09 -4.45 -7.21
CA GLU A 88 17.25 -5.34 -7.27
C GLU A 88 16.78 -6.78 -7.47
N VAL A 89 17.49 -7.50 -8.32
CA VAL A 89 17.17 -8.91 -8.57
C VAL A 89 17.80 -9.75 -7.46
N ILE A 90 16.99 -10.61 -6.85
CA ILE A 90 17.45 -11.49 -5.77
C ILE A 90 17.38 -12.97 -6.14
N SER A 91 16.73 -13.32 -7.24
CA SER A 91 16.82 -14.66 -7.78
C SER A 91 18.06 -14.79 -8.64
N GLU A 92 18.47 -16.04 -8.89
CA GLU A 92 19.64 -16.28 -9.72
C GLU A 92 19.49 -15.61 -11.08
N GLN A 93 18.30 -15.70 -11.67
CA GLN A 93 17.99 -15.06 -12.93
C GLN A 93 16.65 -14.35 -12.82
N ALA A 94 16.45 -13.36 -13.68
CA ALA A 94 15.15 -12.68 -13.76
C ALA A 94 14.92 -12.23 -15.20
N THR A 95 13.66 -12.28 -15.62
CA THR A 95 13.23 -11.82 -16.94
C THR A 95 12.21 -10.71 -16.74
N ALA A 96 12.46 -9.57 -17.39
CA ALA A 96 11.64 -8.38 -17.21
C ALA A 96 11.61 -7.58 -18.49
N TYR A 97 10.49 -6.88 -18.70
CA TYR A 97 10.29 -5.99 -19.84
C TYR A 97 10.31 -4.57 -19.30
N VAL A 98 11.25 -3.76 -19.82
CA VAL A 98 11.42 -2.38 -19.36
C VAL A 98 10.75 -1.45 -20.37
N ILE A 99 9.96 -0.51 -19.85
CA ILE A 99 9.18 0.40 -20.67
C ILE A 99 9.24 1.78 -20.03
N LYS A 100 9.45 2.81 -20.85
CA LYS A 100 9.36 4.17 -20.34
C LYS A 100 7.89 4.52 -20.08
N ILE A 101 7.67 5.33 -19.05
CA ILE A 101 6.32 5.51 -18.52
C ILE A 101 5.37 6.04 -19.60
N ASN A 102 5.87 6.93 -20.47
CA ASN A 102 5.01 7.48 -21.52
C ASN A 102 4.57 6.40 -22.50
N GLU A 103 5.50 5.49 -22.84
CA GLU A 103 5.13 4.41 -23.75
C GLU A 103 4.09 3.50 -23.11
N LEU A 104 4.21 3.28 -21.80
CA LEU A 104 3.16 2.56 -21.09
C LEU A 104 1.83 3.29 -21.23
N LYS A 105 1.84 4.61 -21.04
CA LYS A 105 0.60 5.35 -21.13
C LYS A 105 -0.06 5.11 -22.48
N GLU A 106 0.73 5.22 -23.56
CA GLU A 106 0.18 4.97 -24.89
C GLU A 106 -0.37 3.56 -25.03
N LEU A 107 0.46 2.56 -24.70
CA LEU A 107 0.07 1.17 -24.86
C LEU A 107 -1.24 0.86 -24.13
N LEU A 108 -1.33 1.24 -22.86
CA LEU A 108 -2.55 1.01 -22.11
C LEU A 108 -3.70 1.83 -22.66
N SER A 109 -3.41 3.03 -23.19
CA SER A 109 -4.48 3.86 -23.74
C SER A 109 -5.14 3.19 -24.92
N LYS A 110 -4.40 2.39 -25.68
CA LYS A 110 -4.98 1.70 -26.82
C LYS A 110 -5.40 0.26 -26.50
N ASN A 111 -5.56 -0.09 -25.22
CA ASN A 111 -6.04 -1.43 -24.86
C ASN A 111 -6.55 -1.42 -23.43
N LEU A 112 -7.87 -1.51 -23.26
CA LEU A 112 -8.46 -1.42 -21.92
C LEU A 112 -8.28 -2.70 -21.12
N THR A 113 -8.22 -3.87 -21.78
CA THR A 113 -8.01 -5.12 -21.07
C THR A 113 -6.73 -5.07 -20.23
N HIS A 114 -5.60 -4.79 -20.88
CA HIS A 114 -4.33 -4.78 -20.16
C HIS A 114 -4.24 -3.59 -19.22
N PHE A 115 -4.90 -2.48 -19.57
CA PHE A 115 -5.04 -1.37 -18.64
C PHE A 115 -5.64 -1.86 -17.32
N PHE A 116 -6.72 -2.63 -17.42
CA PHE A 116 -7.37 -3.17 -16.23
C PHE A 116 -6.45 -4.14 -15.50
N TYR A 117 -5.66 -4.91 -16.25
CA TYR A 117 -4.69 -5.79 -15.60
C TYR A 117 -3.72 -5.01 -14.72
N VAL A 118 -3.12 -3.94 -15.26
CA VAL A 118 -2.17 -3.16 -14.48
C VAL A 118 -2.89 -2.50 -13.29
N PHE A 119 -4.08 -1.97 -13.54
CA PHE A 119 -4.91 -1.44 -12.47
C PHE A 119 -5.04 -2.45 -11.33
N GLN A 120 -5.33 -3.70 -11.67
CA GLN A 120 -5.54 -4.71 -10.64
C GLN A 120 -4.24 -5.06 -9.92
N THR A 121 -3.09 -4.95 -10.60
CA THR A 121 -1.83 -5.14 -9.88
C THR A 121 -1.66 -4.06 -8.81
N LEU A 122 -2.03 -2.83 -9.14
CA LEU A 122 -2.03 -1.78 -8.12
C LEU A 122 -2.98 -2.12 -6.97
N GLN A 123 -4.21 -2.55 -7.31
CA GLN A 123 -5.17 -2.89 -6.28
C GLN A 123 -4.64 -4.00 -5.38
N LYS A 124 -3.97 -4.99 -5.97
CA LYS A 124 -3.41 -6.08 -5.19
C LYS A 124 -2.35 -5.57 -4.23
N GLN A 125 -1.48 -4.67 -4.71
CA GLN A 125 -0.52 -4.06 -3.79
C GLN A 125 -1.24 -3.40 -2.61
N VAL A 126 -2.27 -2.60 -2.91
CA VAL A 126 -2.93 -1.82 -1.86
C VAL A 126 -3.57 -2.75 -0.82
N SER A 127 -4.30 -3.77 -1.28
CA SER A 127 -4.96 -4.66 -0.34
C SER A 127 -3.95 -5.50 0.43
N TYR A 128 -2.84 -5.88 -0.21
CA TYR A 128 -1.78 -6.58 0.49
C TYR A 128 -1.21 -5.74 1.61
N SER A 129 -0.98 -4.45 1.33
CA SER A 129 -0.50 -3.53 2.35
C SER A 129 -1.48 -3.45 3.51
N LEU A 130 -2.77 -3.30 3.20
CA LEU A 130 -3.77 -3.23 4.26
C LEU A 130 -3.78 -4.49 5.12
N ALA A 131 -3.72 -5.67 4.48
CA ALA A 131 -3.75 -6.91 5.23
C ALA A 131 -2.52 -7.05 6.11
N LYS A 132 -1.33 -6.71 5.59
CA LYS A 132 -0.13 -6.82 6.42
C LYS A 132 -0.21 -5.86 7.59
N PHE A 133 -0.76 -4.66 7.37
CA PHE A 133 -0.89 -3.72 8.48
C PHE A 133 -1.86 -4.26 9.54
N ASN A 134 -2.95 -4.89 9.11
CA ASN A 134 -3.88 -5.47 10.08
C ASN A 134 -3.21 -6.57 10.89
N ASP A 135 -2.54 -7.49 10.22
CA ASP A 135 -1.88 -8.58 10.93
C ASP A 135 -0.80 -8.05 11.87
N PHE A 136 -0.12 -6.98 11.47
CA PHE A 136 0.86 -6.37 12.38
C PHE A 136 0.17 -5.75 13.57
N SER A 137 -0.79 -4.86 13.34
CA SER A 137 -1.52 -4.22 14.43
C SER A 137 -2.03 -5.24 15.44
N ILE A 138 -2.34 -6.45 14.99
CA ILE A 138 -2.82 -7.46 15.93
C ILE A 138 -1.67 -8.21 16.61
N ASN A 139 -0.78 -8.78 15.82
CA ASN A 139 0.30 -9.62 16.33
C ASN A 139 1.76 -9.21 16.27
N GLY A 140 2.04 -7.95 16.05
CA GLY A 140 3.40 -7.50 16.00
C GLY A 140 4.21 -8.24 14.98
N LYS A 141 5.48 -8.36 15.25
CA LYS A 141 6.40 -9.03 14.35
C LYS A 141 6.13 -10.53 14.23
N LEU A 142 5.52 -11.15 15.24
CA LEU A 142 5.11 -12.54 15.08
C LEU A 142 4.18 -12.67 13.88
N GLY A 143 3.19 -11.78 13.78
CA GLY A 143 2.27 -11.82 12.68
C GLY A 143 2.92 -11.42 11.37
N SER A 144 3.85 -10.46 11.42
CA SER A 144 4.62 -10.13 10.22
C SER A 144 5.33 -11.36 9.67
N ILE A 145 6.06 -12.07 10.53
CA ILE A 145 6.82 -13.23 10.09
C ILE A 145 5.90 -14.37 9.69
N CYS A 146 4.78 -14.53 10.40
CA CYS A 146 3.80 -15.54 10.02
C CYS A 146 3.24 -15.25 8.64
N GLY A 147 2.99 -13.97 8.33
CA GLY A 147 2.49 -13.62 7.02
C GLY A 147 3.49 -13.90 5.92
N GLN A 148 4.75 -13.52 6.14
CA GLN A 148 5.75 -13.80 5.11
C GLN A 148 5.95 -15.30 4.93
N LEU A 149 5.98 -16.06 6.02
CA LEU A 149 6.10 -17.51 5.92
C LEU A 149 4.88 -18.11 5.23
N LEU A 150 3.70 -17.58 5.49
CA LEU A 150 2.49 -18.08 4.84
C LEU A 150 2.53 -17.82 3.35
N ILE A 151 3.01 -16.65 2.95
CA ILE A 151 3.13 -16.34 1.53
C ILE A 151 4.12 -17.29 0.86
N LEU A 152 5.29 -17.46 1.49
CA LEU A 152 6.27 -18.40 0.93
C LEU A 152 5.68 -19.80 0.85
N THR A 153 4.92 -20.21 1.86
CA THR A 153 4.29 -21.53 1.84
C THR A 153 3.34 -21.66 0.66
N TYR A 154 2.40 -20.72 0.52
CA TYR A 154 1.42 -20.81 -0.55
C TYR A 154 2.08 -20.77 -1.92
N VAL A 155 3.14 -19.99 -2.07
CA VAL A 155 3.73 -19.78 -3.40
C VAL A 155 4.69 -20.92 -3.75
N TYR A 156 5.74 -21.09 -2.95
CA TYR A 156 6.78 -22.09 -3.22
C TYR A 156 6.63 -23.33 -2.34
N GLY A 157 5.41 -23.70 -1.98
CA GLY A 157 5.17 -24.83 -1.09
C GLY A 157 4.80 -26.09 -1.85
N LYS A 158 5.31 -27.21 -1.35
CA LYS A 158 5.05 -28.52 -1.95
C LYS A 158 4.84 -29.52 -0.83
N GLU A 159 3.71 -30.23 -0.86
CA GLU A 159 3.41 -31.21 0.17
C GLU A 159 4.37 -32.39 0.09
N THR A 160 4.78 -32.90 1.24
CA THR A 160 5.61 -34.10 1.34
C THR A 160 5.26 -34.79 2.63
N PRO A 161 5.58 -36.09 2.75
CA PRO A 161 5.32 -36.78 4.03
C PRO A 161 5.96 -36.13 5.24
N ASP A 162 6.86 -35.17 5.06
CA ASP A 162 7.51 -34.48 6.17
C ASP A 162 6.91 -33.11 6.46
N GLY A 163 6.06 -32.59 5.58
CA GLY A 163 5.45 -31.29 5.77
C GLY A 163 5.41 -30.54 4.45
N ILE A 164 5.21 -29.24 4.53
CA ILE A 164 5.15 -28.38 3.34
C ILE A 164 6.56 -27.84 3.12
N LYS A 165 7.26 -28.40 2.13
CA LYS A 165 8.60 -27.95 1.79
C LYS A 165 8.52 -26.64 1.00
N ILE A 166 9.22 -25.62 1.47
CA ILE A 166 9.31 -24.35 0.77
C ILE A 166 10.38 -24.49 -0.30
N THR A 167 9.98 -24.87 -1.51
CA THR A 167 10.92 -25.23 -2.56
C THR A 167 11.59 -24.00 -3.18
N LEU A 168 12.16 -23.15 -2.34
CA LEU A 168 12.86 -21.96 -2.80
C LEU A 168 14.33 -22.10 -2.46
N ASP A 169 15.19 -21.85 -3.46
CA ASP A 169 16.63 -22.01 -3.31
C ASP A 169 17.10 -21.47 -1.96
N ASN A 170 17.95 -22.24 -1.29
CA ASN A 170 18.42 -21.84 0.04
C ASN A 170 19.08 -20.47 0.01
N LEU A 171 19.80 -20.15 -1.08
CA LEU A 171 20.42 -18.83 -1.19
C LEU A 171 19.36 -17.74 -1.30
N THR A 172 18.31 -17.98 -2.08
CA THR A 172 17.22 -17.02 -2.16
C THR A 172 16.51 -16.88 -0.81
N MET A 173 16.42 -17.97 -0.05
CA MET A 173 15.83 -17.89 1.28
C MET A 173 16.68 -17.05 2.22
N GLN A 174 18.01 -17.22 2.17
CA GLN A 174 18.88 -16.39 2.98
C GLN A 174 18.75 -14.92 2.57
N GLU A 175 18.74 -14.66 1.27
CA GLU A 175 18.58 -13.29 0.76
C GLU A 175 17.20 -12.72 1.03
N LEU A 176 16.24 -13.55 1.43
CA LEU A 176 14.85 -13.13 1.59
C LEU A 176 14.43 -13.15 3.06
N ALA A 187 15.56 -9.80 17.03
CA ALA A 187 14.15 -10.02 17.33
C ALA A 187 13.54 -11.03 16.35
N VAL A 188 13.83 -10.86 15.06
CA VAL A 188 13.43 -11.86 14.07
C VAL A 188 13.89 -13.25 14.49
N SER A 189 15.22 -13.43 14.55
CA SER A 189 15.78 -14.72 14.95
C SER A 189 15.16 -15.23 16.24
N ARG A 190 14.97 -14.36 17.22
CA ARG A 190 14.30 -14.70 18.48
C ARG A 190 13.07 -15.55 18.22
N ILE A 191 12.06 -14.95 17.58
CA ILE A 191 10.77 -15.62 17.49
C ILE A 191 10.72 -16.67 16.38
N ILE A 192 11.62 -16.65 15.40
CA ILE A 192 11.62 -17.79 14.47
C ILE A 192 12.28 -19.01 15.10
N SER A 193 13.33 -18.80 15.89
CA SER A 193 13.88 -19.90 16.69
C SER A 193 12.81 -20.45 17.62
N LYS A 194 12.00 -19.57 18.21
CA LYS A 194 10.92 -20.07 19.05
C LYS A 194 9.78 -20.67 18.22
N LEU A 195 9.66 -20.31 16.94
CA LEU A 195 8.66 -20.92 16.08
C LEU A 195 9.02 -22.37 15.77
N LYS A 196 10.26 -22.60 15.34
CA LYS A 196 10.68 -23.97 15.07
C LYS A 196 10.93 -24.76 16.34
N GLN A 197 11.07 -24.01 17.43
CA GLN A 197 11.11 -24.54 18.76
C GLN A 197 9.75 -25.13 19.03
N GLU A 198 8.72 -24.46 18.53
CA GLU A 198 7.35 -24.85 18.72
C GLU A 198 6.76 -25.72 17.62
N LYS A 199 7.60 -26.15 16.68
CA LYS A 199 7.27 -27.07 15.59
C LYS A 199 6.38 -26.55 14.50
N VAL A 200 6.28 -25.24 14.41
CA VAL A 200 5.57 -24.64 13.27
C VAL A 200 6.36 -24.87 11.99
N ILE A 201 7.67 -24.65 12.03
CA ILE A 201 8.56 -24.85 10.89
C ILE A 201 9.68 -25.78 11.33
N VAL A 202 10.29 -26.44 10.34
CA VAL A 202 11.35 -27.41 10.58
C VAL A 202 12.41 -27.21 9.50
N TYR A 203 13.65 -26.94 9.91
CA TYR A 203 14.75 -26.69 8.98
C TYR A 203 15.60 -27.95 8.81
N LYS A 204 14.97 -29.00 8.31
CA LYS A 204 15.61 -30.28 8.09
C LYS A 204 15.92 -30.48 6.61
N ASN A 205 17.09 -31.04 6.33
CA ASN A 205 17.51 -31.38 4.96
C ASN A 205 17.69 -30.12 4.11
N SER A 206 18.33 -29.11 4.69
CA SER A 206 18.75 -27.91 3.95
C SER A 206 17.55 -27.18 3.35
N CYS A 207 16.41 -27.20 4.04
CA CYS A 207 15.23 -26.50 3.55
C CYS A 207 14.23 -26.39 4.70
N PHE A 208 13.30 -25.45 4.56
CA PHE A 208 12.27 -25.21 5.57
C PHE A 208 11.01 -25.99 5.24
N TYR A 209 10.55 -26.79 6.20
CA TYR A 209 9.30 -27.53 6.08
C TYR A 209 8.30 -26.95 7.07
N VAL A 210 7.14 -26.53 6.56
CA VAL A 210 6.10 -25.97 7.40
C VAL A 210 5.14 -27.09 7.77
N GLN A 211 4.95 -27.29 9.08
CA GLN A 211 4.11 -28.37 9.58
C GLN A 211 2.95 -27.89 10.44
N ASN A 212 2.77 -26.57 10.58
CA ASN A 212 1.63 -26.00 11.31
C ASN A 212 1.12 -24.80 10.51
N LEU A 213 0.49 -25.06 9.41
CA LEU A 213 -0.05 -24.01 8.60
C LEU A 213 -1.10 -23.24 9.34
N ASP A 214 -1.81 -23.93 10.20
CA ASP A 214 -2.86 -23.33 10.96
C ASP A 214 -2.36 -22.24 11.84
N TYR A 215 -1.19 -22.41 12.39
CA TYR A 215 -0.60 -21.42 13.26
C TYR A 215 -0.35 -20.14 12.52
N LEU A 216 0.18 -20.30 11.31
CA LEU A 216 0.48 -19.17 10.47
C LEU A 216 -0.77 -18.43 10.11
N LYS A 217 -1.78 -19.16 9.77
CA LYS A 217 -3.03 -18.56 9.42
C LYS A 217 -3.63 -17.86 10.60
N ARG A 218 -3.46 -18.44 11.76
CA ARG A 218 -4.01 -17.92 12.99
C ARG A 218 -3.39 -16.58 13.25
N TYR A 219 -2.10 -16.45 13.01
CA TYR A 219 -1.46 -15.17 13.24
C TYR A 219 -1.32 -14.22 12.10
N ALA A 220 -1.79 -14.56 10.92
CA ALA A 220 -1.74 -13.61 9.83
C ALA A 220 -3.07 -13.77 9.16
N PRO A 221 -4.12 -13.44 9.86
CA PRO A 221 -5.43 -13.77 9.28
C PRO A 221 -5.80 -12.92 8.08
N LYS A 222 -5.50 -11.62 8.12
CA LYS A 222 -5.87 -10.77 6.99
C LYS A 222 -5.02 -11.06 5.77
N LEU A 223 -3.75 -11.44 5.94
CA LEU A 223 -2.95 -11.83 4.79
C LEU A 223 -3.44 -13.16 4.22
N ASP A 224 -3.89 -14.07 5.08
CA ASP A 224 -4.51 -15.29 4.60
C ASP A 224 -5.74 -14.98 3.77
N GLU A 225 -6.59 -14.06 4.25
CA GLU A 225 -7.75 -13.64 3.48
C GLU A 225 -7.32 -13.02 2.14
N TRP A 226 -6.31 -12.16 2.18
CA TRP A 226 -5.86 -11.51 0.96
C TRP A 226 -5.41 -12.54 -0.07
N PHE A 227 -4.69 -13.57 0.38
CA PHE A 227 -4.25 -14.60 -0.56
C PHE A 227 -5.43 -15.42 -1.05
N TYR A 228 -6.40 -15.71 -0.17
CA TYR A 228 -7.59 -16.43 -0.59
C TYR A 228 -8.31 -15.70 -1.71
N LEU A 229 -8.41 -14.37 -1.60
CA LEU A 229 -9.15 -13.61 -2.61
C LEU A 229 -8.32 -13.34 -3.86
N ALA A 230 -7.05 -13.03 -3.71
CA ALA A 230 -6.20 -12.60 -4.82
C ALA A 230 -5.60 -13.77 -5.59
N CYS A 231 -5.24 -14.84 -4.88
CA CYS A 231 -4.65 -16.03 -5.50
C CYS A 231 -5.45 -17.25 -5.08
N PRO A 232 -6.75 -17.27 -5.39
CA PRO A 232 -7.60 -18.38 -4.91
C PRO A 232 -7.14 -19.74 -5.37
N ALA A 233 -6.71 -19.87 -6.64
CA ALA A 233 -6.21 -21.14 -7.13
C ALA A 233 -5.07 -21.65 -6.27
N THR A 234 -4.03 -20.83 -6.10
CA THR A 234 -2.90 -21.22 -5.28
C THR A 234 -3.33 -21.50 -3.84
N TRP A 235 -4.18 -20.63 -3.29
CA TRP A 235 -4.62 -20.79 -1.91
C TRP A 235 -5.36 -22.11 -1.68
N GLY A 236 -6.04 -22.61 -2.72
CA GLY A 236 -6.88 -23.78 -2.55
C GLY A 236 -6.14 -25.10 -2.48
N LYS A 237 -4.88 -25.14 -2.91
CA LYS A 237 -4.17 -26.41 -2.96
C LYS A 237 -3.77 -26.89 -1.57
N LEU A 238 -3.24 -25.99 -0.75
CA LEU A 238 -2.81 -26.34 0.60
C LEU A 238 -3.91 -26.14 1.64
N ASN A 239 -5.15 -25.93 1.20
CA ASN A 239 -6.28 -25.81 2.11
C ASN A 239 -7.44 -26.66 1.63
N ASN B 4 -9.95 19.72 -5.49
CA ASN B 4 -9.02 20.11 -6.54
C ASN B 4 -9.69 20.02 -7.90
N ALA B 5 -8.89 20.19 -8.96
CA ALA B 5 -9.43 20.22 -10.31
C ALA B 5 -9.86 18.83 -10.76
N GLN B 6 -8.93 17.86 -10.72
CA GLN B 6 -9.25 16.52 -11.19
C GLN B 6 -10.43 15.93 -10.43
N ALA B 7 -10.47 16.15 -9.11
CA ALA B 7 -11.57 15.61 -8.31
C ALA B 7 -12.91 16.19 -8.75
N GLU B 8 -12.96 17.51 -8.96
CA GLU B 8 -14.21 18.14 -9.38
C GLU B 8 -14.61 17.69 -10.78
N GLU B 9 -13.62 17.50 -11.67
CA GLU B 9 -13.92 16.96 -13.00
C GLU B 9 -14.52 15.58 -12.90
N PHE B 10 -13.96 14.72 -12.04
CA PHE B 10 -14.51 13.38 -11.87
C PHE B 10 -15.91 13.44 -11.26
N LYS B 11 -16.14 14.36 -10.34
CA LYS B 11 -17.47 14.52 -9.75
C LYS B 11 -18.48 14.91 -10.82
N LYS B 12 -18.14 15.90 -11.64
CA LYS B 12 -19.06 16.31 -12.70
C LYS B 12 -19.26 15.20 -13.73
N TYR B 13 -18.22 14.40 -13.98
CA TYR B 13 -18.38 13.25 -14.86
C TYR B 13 -19.38 12.25 -14.28
N LEU B 14 -19.24 11.94 -12.99
CA LEU B 14 -20.17 11.02 -12.35
C LEU B 14 -21.58 11.54 -12.40
N GLU B 15 -21.78 12.82 -12.10
CA GLU B 15 -23.12 13.39 -12.12
C GLU B 15 -23.69 13.40 -13.54
N THR B 16 -22.85 13.72 -14.53
CA THR B 16 -23.32 13.72 -15.91
C THR B 16 -23.78 12.34 -16.34
N ASN B 17 -23.16 11.29 -15.79
CA ASN B 17 -23.56 9.92 -16.08
C ASN B 17 -24.62 9.41 -15.12
N GLY B 18 -25.29 10.32 -14.41
CA GLY B 18 -26.44 9.94 -13.61
C GLY B 18 -26.10 9.28 -12.29
N ILE B 19 -25.05 9.74 -11.62
CA ILE B 19 -24.65 9.19 -10.33
C ILE B 19 -24.78 10.32 -9.31
N LYS B 20 -25.76 10.20 -8.43
CA LYS B 20 -26.08 11.27 -7.49
C LYS B 20 -25.23 11.14 -6.23
N PRO B 21 -24.79 12.25 -5.65
CA PRO B 21 -24.08 12.18 -4.37
C PRO B 21 -24.99 11.68 -3.27
N LYS B 22 -24.36 11.27 -2.16
CA LYS B 22 -25.07 10.77 -1.00
C LYS B 22 -24.42 11.30 0.26
N GLN B 23 -25.25 11.62 1.24
CA GLN B 23 -24.79 12.14 2.53
C GLN B 23 -24.72 11.01 3.56
N PHE B 24 -23.76 11.14 4.47
CA PHE B 24 -23.55 10.15 5.51
C PHE B 24 -23.20 10.85 6.81
N HIS B 25 -23.85 10.44 7.89
CA HIS B 25 -23.57 10.99 9.21
C HIS B 25 -22.38 10.27 9.84
N LYS B 26 -21.90 10.82 10.94
CA LYS B 26 -20.75 10.23 11.62
C LYS B 26 -21.09 8.80 12.06
N LYS B 27 -20.08 7.92 11.96
CA LYS B 27 -20.17 6.52 12.37
C LYS B 27 -20.98 5.68 11.38
N GLU B 28 -21.66 6.31 10.41
CA GLU B 28 -22.35 5.54 9.39
C GLU B 28 -21.35 4.73 8.57
N LEU B 29 -21.82 3.61 8.03
CA LEU B 29 -21.01 2.74 7.19
C LEU B 29 -21.44 2.93 5.74
N ILE B 30 -20.50 3.40 4.92
CA ILE B 30 -20.77 3.49 3.48
C ILE B 30 -20.95 2.10 2.89
N PHE B 31 -20.10 1.16 3.29
CA PHE B 31 -20.33 -0.25 2.99
C PHE B 31 -19.74 -1.08 4.12
N ASN B 32 -20.27 -2.30 4.27
CA ASN B 32 -19.84 -3.21 5.32
C ASN B 32 -19.30 -4.49 4.70
N GLN B 33 -18.52 -5.22 5.51
CA GLN B 33 -17.76 -6.35 4.98
C GLN B 33 -18.65 -7.40 4.33
N TRP B 34 -19.88 -7.57 4.81
CA TRP B 34 -20.71 -8.67 4.34
C TRP B 34 -21.49 -8.34 3.07
N ASP B 35 -21.53 -7.07 2.67
CA ASP B 35 -22.15 -6.69 1.42
C ASP B 35 -21.48 -7.42 0.26
N PRO B 36 -22.19 -8.29 -0.47
CA PRO B 36 -21.56 -8.96 -1.61
C PRO B 36 -21.36 -8.06 -2.82
N GLN B 37 -21.99 -6.93 -2.88
CA GLN B 37 -21.80 -6.07 -4.01
C GLN B 37 -20.51 -5.28 -3.92
N GLU B 38 -19.65 -5.31 -4.93
CA GLU B 38 -18.43 -4.55 -4.89
C GLU B 38 -18.63 -3.12 -5.32
N TYR B 39 -17.92 -2.17 -4.77
CA TYR B 39 -18.08 -0.79 -5.14
C TYR B 39 -16.80 -0.03 -5.42
N CYS B 40 -16.94 1.09 -6.08
CA CYS B 40 -15.90 2.05 -6.15
C CYS B 40 -16.53 3.21 -5.38
N ILE B 41 -15.87 3.77 -4.40
CA ILE B 41 -16.43 4.86 -3.68
C ILE B 41 -15.64 6.12 -3.88
N PHE B 42 -16.25 7.14 -4.42
CA PHE B 42 -15.59 8.43 -4.62
C PHE B 42 -15.99 9.34 -3.47
N LEU B 43 -15.21 9.28 -2.39
CA LEU B 43 -15.45 10.13 -1.23
C LEU B 43 -15.07 11.55 -1.60
N TYR B 44 -16.07 12.39 -1.88
CA TYR B 44 -15.79 13.75 -2.30
C TYR B 44 -15.43 14.64 -1.11
N ASP B 45 -16.24 14.57 -0.05
CA ASP B 45 -16.07 15.46 1.10
C ASP B 45 -16.20 14.66 2.39
N GLY B 46 -15.35 14.96 3.35
CA GLY B 46 -15.40 14.33 4.65
C GLY B 46 -14.20 13.44 4.91
N ILE B 47 -14.30 12.67 5.99
CA ILE B 47 -13.25 11.75 6.41
C ILE B 47 -13.88 10.40 6.73
N THR B 48 -13.20 9.33 6.34
CA THR B 48 -13.64 7.97 6.60
C THR B 48 -12.45 7.15 7.06
N LYS B 49 -12.74 5.93 7.51
CA LYS B 49 -11.71 5.00 7.90
C LYS B 49 -12.10 3.59 7.44
N LEU B 50 -11.10 2.84 6.99
CA LEU B 50 -11.28 1.47 6.56
C LEU B 50 -10.96 0.56 7.74
N THR B 51 -11.94 -0.22 8.17
CA THR B 51 -11.78 -1.09 9.32
C THR B 51 -11.92 -2.55 8.92
N SER B 52 -11.21 -3.40 9.65
CA SER B 52 -11.39 -4.84 9.60
C SER B 52 -11.75 -5.33 10.99
N ILE B 53 -12.73 -6.21 11.06
CA ILE B 53 -13.22 -6.75 12.33
C ILE B 53 -12.73 -8.18 12.43
N SER B 54 -11.99 -8.48 13.49
CA SER B 54 -11.40 -9.78 13.68
C SER B 54 -12.44 -10.78 14.18
N GLU B 55 -12.02 -12.04 14.32
CA GLU B 55 -12.93 -13.09 14.78
C GLU B 55 -13.61 -12.71 16.10
N ASN B 56 -12.84 -12.15 17.04
CA ASN B 56 -13.36 -11.85 18.37
C ASN B 56 -13.93 -10.44 18.47
N GLY B 57 -14.24 -9.80 17.35
CA GLY B 57 -14.95 -8.54 17.35
C GLY B 57 -14.08 -7.30 17.42
N THR B 58 -12.76 -7.45 17.49
CA THR B 58 -11.87 -6.30 17.63
C THR B 58 -11.88 -5.49 16.34
N ILE B 59 -12.40 -4.26 16.40
CA ILE B 59 -12.35 -3.36 15.27
C ILE B 59 -10.94 -2.85 15.09
N MET B 60 -10.33 -3.16 13.96
CA MET B 60 -9.00 -2.67 13.63
C MET B 60 -9.12 -1.51 12.66
N ASN B 61 -8.39 -0.43 12.94
CA ASN B 61 -8.37 0.75 12.07
C ASN B 61 -7.15 0.64 11.17
N LEU B 62 -7.39 0.49 9.86
CA LEU B 62 -6.34 0.23 8.90
C LEU B 62 -5.82 1.49 8.22
N GLN B 63 -6.73 2.35 7.74
CA GLN B 63 -6.31 3.56 7.06
C GLN B 63 -7.42 4.59 7.14
N TYR B 64 -7.03 5.86 7.07
CA TYR B 64 -7.97 6.97 7.06
C TYR B 64 -7.91 7.65 5.70
N TYR B 65 -9.08 8.01 5.17
CA TYR B 65 -9.19 8.64 3.87
C TYR B 65 -9.94 9.96 4.00
N LYS B 66 -9.51 10.95 3.22
CA LYS B 66 -10.11 12.27 3.23
C LYS B 66 -10.48 12.64 1.80
N GLY B 67 -11.63 13.29 1.65
CA GLY B 67 -12.08 13.69 0.33
C GLY B 67 -11.30 14.87 -0.23
N ALA B 68 -11.08 14.86 -1.54
CA ALA B 68 -11.55 13.83 -2.46
C ALA B 68 -10.61 12.61 -2.44
N PHE B 69 -11.18 11.42 -2.59
CA PHE B 69 -10.36 10.21 -2.67
C PHE B 69 -11.24 9.08 -3.22
N VAL B 70 -10.59 7.98 -3.58
CA VAL B 70 -11.25 6.84 -4.18
C VAL B 70 -10.90 5.58 -3.40
N ILE B 71 -11.92 4.85 -2.97
CA ILE B 71 -11.76 3.55 -2.34
C ILE B 71 -12.48 2.53 -3.21
N MET B 72 -12.05 1.26 -3.11
CA MET B 72 -12.68 0.20 -3.88
C MET B 72 -12.72 -1.08 -3.07
N SER B 73 -13.81 -1.82 -3.22
CA SER B 73 -14.00 -3.10 -2.56
C SER B 73 -13.87 -4.27 -3.51
N GLY B 74 -13.73 -4.02 -4.81
CA GLY B 74 -13.60 -5.10 -5.77
C GLY B 74 -12.51 -4.82 -6.79
N PHE B 75 -11.94 -5.89 -7.31
CA PHE B 75 -10.94 -5.77 -8.37
C PHE B 75 -11.63 -5.40 -9.68
N ILE B 76 -11.00 -4.50 -10.43
CA ILE B 76 -11.65 -3.97 -11.62
C ILE B 76 -11.60 -4.98 -12.76
N ASP B 77 -10.57 -5.80 -12.83
CA ASP B 77 -10.47 -6.78 -13.91
C ASP B 77 -11.44 -7.94 -13.69
N THR B 78 -11.37 -8.58 -12.53
CA THR B 78 -12.17 -9.76 -12.24
C THR B 78 -13.50 -9.46 -11.56
N GLU B 79 -13.69 -8.23 -11.08
CA GLU B 79 -14.92 -7.86 -10.38
C GLU B 79 -15.17 -8.78 -9.19
N THR B 80 -14.11 -9.03 -8.43
CA THR B 80 -14.17 -9.83 -7.22
C THR B 80 -13.57 -9.03 -6.07
N SER B 81 -13.97 -9.41 -4.85
CA SER B 81 -13.69 -8.59 -3.69
C SER B 81 -12.19 -8.51 -3.41
N VAL B 82 -11.76 -7.32 -2.96
CA VAL B 82 -10.38 -7.14 -2.52
C VAL B 82 -10.19 -7.49 -1.05
N GLY B 83 -11.27 -7.66 -0.30
CA GLY B 83 -11.15 -7.99 1.11
C GLY B 83 -12.44 -7.73 1.85
N TYR B 84 -12.48 -8.22 3.09
CA TYR B 84 -13.61 -7.99 3.99
C TYR B 84 -13.30 -6.75 4.81
N TYR B 85 -13.84 -5.62 4.37
CA TYR B 85 -13.58 -4.32 4.97
C TYR B 85 -14.90 -3.61 5.23
N ASN B 86 -14.85 -2.62 6.13
CA ASN B 86 -15.93 -1.68 6.33
C ASN B 86 -15.38 -0.28 6.14
N LEU B 87 -16.24 0.63 5.70
CA LEU B 87 -15.86 2.02 5.47
C LEU B 87 -16.76 2.88 6.38
N GLU B 88 -16.21 3.30 7.52
CA GLU B 88 -16.96 4.05 8.51
C GLU B 88 -16.67 5.54 8.37
N VAL B 89 -17.72 6.34 8.42
CA VAL B 89 -17.57 7.79 8.45
C VAL B 89 -17.15 8.20 9.86
N ILE B 90 -16.06 8.96 9.95
CA ILE B 90 -15.63 9.56 11.21
C ILE B 90 -15.77 11.07 11.21
N SER B 91 -16.27 11.64 10.12
CA SER B 91 -16.64 13.05 10.07
C SER B 91 -18.07 13.22 10.57
N GLU B 92 -18.38 14.44 11.02
CA GLU B 92 -19.76 14.74 11.37
C GLU B 92 -20.68 14.58 10.16
N GLN B 93 -20.16 14.86 8.97
CA GLN B 93 -20.92 14.68 7.74
C GLN B 93 -19.93 14.36 6.61
N ALA B 94 -20.39 13.57 5.65
CA ALA B 94 -19.56 13.20 4.51
C ALA B 94 -20.42 13.07 3.26
N THR B 95 -19.90 13.58 2.15
CA THR B 95 -20.53 13.46 0.84
C THR B 95 -19.71 12.51 0.00
N ALA B 96 -20.37 11.45 -0.52
CA ALA B 96 -19.67 10.44 -1.29
C ALA B 96 -20.58 9.91 -2.38
N TYR B 97 -19.96 9.49 -3.49
CA TYR B 97 -20.67 8.88 -4.60
C TYR B 97 -20.45 7.36 -4.55
N VAL B 98 -21.54 6.60 -4.68
CA VAL B 98 -21.49 5.15 -4.58
C VAL B 98 -21.75 4.59 -5.98
N ILE B 99 -20.69 4.15 -6.63
CA ILE B 99 -20.77 3.50 -7.94
C ILE B 99 -20.51 2.02 -7.74
N LYS B 100 -21.21 1.19 -8.52
CA LYS B 100 -20.91 -0.23 -8.53
C LYS B 100 -19.70 -0.49 -9.41
N ILE B 101 -18.97 -1.56 -9.09
CA ILE B 101 -17.67 -1.78 -9.71
C ILE B 101 -17.80 -1.89 -11.23
N ASN B 102 -18.85 -2.57 -11.70
CA ASN B 102 -19.03 -2.76 -13.15
C ASN B 102 -19.40 -1.44 -13.82
N GLU B 103 -20.25 -0.64 -13.19
CA GLU B 103 -20.53 0.69 -13.69
C GLU B 103 -19.26 1.53 -13.75
N LEU B 104 -18.37 1.37 -12.76
CA LEU B 104 -17.10 2.09 -12.82
C LEU B 104 -16.26 1.63 -14.01
N LYS B 105 -16.21 0.32 -14.24
CA LYS B 105 -15.46 -0.18 -15.40
C LYS B 105 -15.96 0.48 -16.67
N GLU B 106 -17.29 0.56 -16.82
CA GLU B 106 -17.85 1.21 -18.01
C GLU B 106 -17.45 2.68 -18.07
N LEU B 107 -17.57 3.39 -16.94
CA LEU B 107 -17.31 4.83 -16.94
C LEU B 107 -15.84 5.13 -17.25
N LEU B 108 -14.93 4.30 -16.74
CA LEU B 108 -13.50 4.54 -16.99
C LEU B 108 -13.12 4.16 -18.42
N SER B 109 -13.68 3.07 -18.94
CA SER B 109 -13.39 2.70 -20.32
C SER B 109 -13.85 3.78 -21.30
N LYS B 110 -14.78 4.64 -20.90
CA LYS B 110 -15.35 5.66 -21.76
C LYS B 110 -14.61 6.99 -21.69
N ASN B 111 -13.70 7.15 -20.73
CA ASN B 111 -12.95 8.40 -20.60
C ASN B 111 -11.64 8.08 -19.89
N LEU B 112 -10.52 8.14 -20.61
CA LEU B 112 -9.24 7.70 -20.07
C LEU B 112 -8.62 8.71 -19.11
N THR B 113 -9.07 9.97 -19.13
CA THR B 113 -8.52 10.93 -18.16
C THR B 113 -8.93 10.56 -16.74
N HIS B 114 -10.19 10.18 -16.53
CA HIS B 114 -10.61 9.71 -15.22
C HIS B 114 -9.97 8.37 -14.88
N PHE B 115 -9.80 7.50 -15.88
CA PHE B 115 -9.06 6.26 -15.68
C PHE B 115 -7.68 6.57 -15.11
N PHE B 116 -6.99 7.56 -15.70
CA PHE B 116 -5.67 7.95 -15.19
C PHE B 116 -5.77 8.53 -13.80
N TYR B 117 -6.80 9.34 -13.53
CA TYR B 117 -6.99 9.88 -12.19
C TYR B 117 -7.02 8.78 -11.14
N VAL B 118 -7.81 7.72 -11.40
CA VAL B 118 -7.96 6.65 -10.41
C VAL B 118 -6.71 5.77 -10.36
N PHE B 119 -6.11 5.51 -11.53
CA PHE B 119 -4.83 4.81 -11.58
C PHE B 119 -3.81 5.50 -10.69
N GLN B 120 -3.68 6.82 -10.84
CA GLN B 120 -2.69 7.58 -10.08
C GLN B 120 -3.08 7.65 -8.61
N THR B 121 -4.37 7.65 -8.30
CA THR B 121 -4.77 7.57 -6.89
C THR B 121 -4.21 6.30 -6.26
N LEU B 122 -4.41 5.16 -6.93
CA LEU B 122 -3.87 3.91 -6.39
C LEU B 122 -2.35 3.95 -6.32
N GLN B 123 -1.70 4.55 -7.32
CA GLN B 123 -0.25 4.67 -7.30
C GLN B 123 0.22 5.45 -6.07
N LYS B 124 -0.44 6.59 -5.82
CA LYS B 124 -0.12 7.38 -4.64
C LYS B 124 -0.30 6.56 -3.37
N GLN B 125 -1.36 5.76 -3.29
CA GLN B 125 -1.57 4.98 -2.08
C GLN B 125 -0.46 3.96 -1.87
N VAL B 126 -0.07 3.27 -2.94
CA VAL B 126 1.02 2.29 -2.85
C VAL B 126 2.30 2.96 -2.38
N SER B 127 2.70 4.05 -3.06
CA SER B 127 3.95 4.69 -2.72
C SER B 127 3.89 5.32 -1.33
N TYR B 128 2.70 5.69 -0.88
CA TYR B 128 2.50 6.18 0.49
C TYR B 128 2.85 5.09 1.49
N SER B 129 2.28 3.91 1.32
CA SER B 129 2.63 2.81 2.22
C SER B 129 4.13 2.56 2.21
N LEU B 130 4.74 2.59 1.02
CA LEU B 130 6.17 2.37 0.93
C LEU B 130 6.95 3.40 1.75
N ALA B 131 6.57 4.68 1.63
CA ALA B 131 7.27 5.73 2.34
C ALA B 131 7.08 5.61 3.85
N LYS B 132 5.85 5.33 4.27
CA LYS B 132 5.58 5.11 5.69
C LYS B 132 6.49 4.02 6.25
N PHE B 133 6.51 2.87 5.58
CA PHE B 133 7.33 1.76 6.06
C PHE B 133 8.81 2.09 6.02
N ASN B 134 9.25 2.88 5.04
CA ASN B 134 10.66 3.27 5.00
C ASN B 134 11.02 4.11 6.23
N ASP B 135 10.24 5.16 6.48
CA ASP B 135 10.52 5.99 7.64
C ASP B 135 10.47 5.17 8.92
N PHE B 136 9.53 4.22 9.00
CA PHE B 136 9.46 3.34 10.16
C PHE B 136 10.75 2.53 10.30
N SER B 137 11.11 1.79 9.26
CA SER B 137 12.33 0.98 9.31
C SER B 137 13.54 1.81 9.71
N ILE B 138 13.58 3.08 9.31
CA ILE B 138 14.73 3.91 9.65
C ILE B 138 14.69 4.33 11.11
N ASN B 139 13.60 4.97 11.53
CA ASN B 139 13.56 5.69 12.79
C ASN B 139 12.45 5.22 13.72
N GLY B 140 12.14 3.92 13.71
CA GLY B 140 11.11 3.40 14.61
C GLY B 140 9.88 4.26 14.81
N LYS B 141 9.39 4.27 16.05
CA LYS B 141 8.17 4.98 16.37
C LYS B 141 8.37 6.49 16.28
N LEU B 142 9.59 6.97 16.52
CA LEU B 142 9.86 8.38 16.31
C LEU B 142 9.50 8.79 14.89
N GLY B 143 9.93 8.00 13.91
CA GLY B 143 9.63 8.32 12.53
C GLY B 143 8.16 8.11 12.20
N SER B 144 7.56 7.05 12.72
CA SER B 144 6.12 6.87 12.51
C SER B 144 5.34 8.09 12.99
N ILE B 145 5.67 8.57 14.18
CA ILE B 145 4.92 9.68 14.78
C ILE B 145 5.23 10.99 14.05
N CYS B 146 6.52 11.23 13.74
CA CYS B 146 6.86 12.42 13.00
C CYS B 146 6.17 12.43 11.63
N GLY B 147 6.05 11.27 11.01
CA GLY B 147 5.38 11.21 9.71
C GLY B 147 3.90 11.48 9.81
N GLN B 148 3.24 10.90 10.82
CA GLN B 148 1.81 11.19 10.99
C GLN B 148 1.60 12.67 11.28
N LEU B 149 2.44 13.26 12.12
CA LEU B 149 2.33 14.69 12.41
C LEU B 149 2.62 15.52 11.16
N LEU B 150 3.54 15.06 10.32
CA LEU B 150 3.89 15.80 9.12
C LEU B 150 2.74 15.79 8.12
N ILE B 151 2.11 14.63 7.93
CA ILE B 151 0.99 14.58 7.00
C ILE B 151 -0.18 15.39 7.54
N LEU B 152 -0.42 15.33 8.85
CA LEU B 152 -1.45 16.18 9.44
C LEU B 152 -1.13 17.66 9.21
N THR B 153 0.15 18.03 9.33
CA THR B 153 0.53 19.43 9.19
C THR B 153 0.39 19.89 7.74
N TYR B 154 0.70 19.02 6.78
CA TYR B 154 0.55 19.41 5.38
C TYR B 154 -0.92 19.52 5.00
N VAL B 155 -1.76 18.60 5.49
CA VAL B 155 -3.17 18.63 5.14
C VAL B 155 -3.86 19.82 5.81
N TYR B 156 -3.85 19.85 7.14
CA TYR B 156 -4.58 20.84 7.92
C TYR B 156 -3.67 21.92 8.51
N GLY B 157 -2.58 22.25 7.83
CA GLY B 157 -1.66 23.26 8.34
C GLY B 157 -2.15 24.66 8.04
N LYS B 158 -2.05 25.53 9.05
CA LYS B 158 -2.40 26.93 8.90
C LYS B 158 -1.31 27.77 9.57
N GLU B 159 -0.58 28.54 8.78
CA GLU B 159 0.50 29.36 9.34
C GLU B 159 -0.07 30.48 10.21
N THR B 160 0.45 30.60 11.42
CA THR B 160 0.08 31.66 12.34
C THR B 160 1.31 32.02 13.15
N PRO B 161 1.26 33.13 13.89
CA PRO B 161 2.42 33.46 14.74
C PRO B 161 2.77 32.37 15.72
N ASP B 162 1.82 31.52 16.09
CA ASP B 162 2.04 30.42 17.01
C ASP B 162 2.52 29.16 16.32
N GLY B 163 2.95 29.24 15.07
CA GLY B 163 3.38 28.08 14.32
C GLY B 163 2.33 27.62 13.33
N ILE B 164 2.49 26.39 12.86
CA ILE B 164 1.57 25.81 11.88
C ILE B 164 0.47 25.12 12.68
N LYS B 165 -0.60 25.86 12.94
CA LYS B 165 -1.75 25.31 13.65
C LYS B 165 -2.35 24.16 12.85
N ILE B 166 -2.74 23.10 13.57
CA ILE B 166 -3.39 21.95 12.98
C ILE B 166 -4.90 22.22 13.01
N THR B 167 -5.45 22.65 11.87
CA THR B 167 -6.86 23.00 11.78
C THR B 167 -7.69 21.72 11.71
N LEU B 168 -7.81 21.06 12.86
CA LEU B 168 -8.60 19.84 12.95
C LEU B 168 -9.36 19.81 14.27
N ASP B 169 -10.62 19.39 14.19
CA ASP B 169 -11.47 19.33 15.37
C ASP B 169 -10.82 18.45 16.44
N ASN B 170 -10.98 18.84 17.71
CA ASN B 170 -10.50 18.01 18.81
C ASN B 170 -11.19 16.65 18.82
N LEU B 171 -12.39 16.55 18.26
CA LEU B 171 -13.04 15.26 18.10
C LEU B 171 -12.25 14.37 17.14
N THR B 172 -11.94 14.89 15.95
CA THR B 172 -11.10 14.14 15.01
C THR B 172 -9.73 13.87 15.61
N MET B 173 -9.18 14.83 16.34
CA MET B 173 -7.87 14.62 16.97
C MET B 173 -7.92 13.52 18.01
N GLN B 174 -9.04 13.37 18.71
CA GLN B 174 -9.18 12.27 19.65
C GLN B 174 -9.36 10.95 18.91
N GLU B 175 -10.11 10.96 17.80
CA GLU B 175 -10.22 9.77 16.97
C GLU B 175 -8.83 9.31 16.52
N LEU B 176 -7.96 10.25 16.14
CA LEU B 176 -6.58 9.92 15.82
C LEU B 176 -5.76 9.64 17.07
N GLY B 177 -6.32 10.02 18.23
CA GLY B 177 -5.70 9.76 19.51
C GLY B 177 -4.69 10.73 20.06
N TYR B 178 -4.37 11.79 19.33
CA TYR B 178 -3.39 12.75 19.83
C TYR B 178 -3.86 13.51 21.04
N SER B 179 -5.15 13.85 21.07
CA SER B 179 -5.77 14.54 22.21
C SER B 179 -4.97 15.70 22.78
N HIS B 184 -2.95 7.40 23.35
CA HIS B 184 -2.25 7.43 24.62
C HIS B 184 -1.48 6.14 24.96
N SER B 185 -0.67 5.64 24.03
CA SER B 185 0.18 4.46 24.26
C SER B 185 1.37 4.91 25.07
N SER B 186 1.95 4.03 25.88
CA SER B 186 3.06 4.43 26.72
C SER B 186 4.22 4.93 25.89
N ALA B 187 4.62 4.14 24.91
CA ALA B 187 5.72 4.49 24.04
C ALA B 187 5.45 5.77 23.29
N VAL B 188 4.22 5.96 22.84
CA VAL B 188 3.89 7.16 22.11
C VAL B 188 3.95 8.42 22.94
N SER B 189 3.48 8.32 24.16
CA SER B 189 3.51 9.44 25.06
C SER B 189 4.92 9.87 25.32
N ARG B 190 5.83 8.90 25.43
CA ARG B 190 7.17 9.23 25.60
C ARG B 190 7.69 10.04 24.44
N ILE B 191 7.35 9.69 23.23
CA ILE B 191 7.77 10.47 22.13
C ILE B 191 7.15 11.85 22.09
N ILE B 192 5.83 11.90 22.35
CA ILE B 192 5.08 13.15 22.32
C ILE B 192 5.57 14.14 23.37
N SER B 193 5.84 13.66 24.58
CA SER B 193 6.34 14.52 25.60
C SER B 193 7.64 15.06 25.24
N LYS B 194 8.54 14.25 24.73
CA LYS B 194 9.81 14.85 24.30
C LYS B 194 9.57 15.95 23.26
N LEU B 195 8.67 15.69 22.30
CA LEU B 195 8.43 16.69 21.25
C LEU B 195 7.82 17.97 21.82
N LYS B 196 6.86 17.83 22.74
CA LYS B 196 6.27 19.00 23.38
C LYS B 196 7.32 19.78 24.15
N GLN B 197 8.15 19.09 24.92
CA GLN B 197 9.17 19.77 25.71
C GLN B 197 10.18 20.48 24.82
N GLU B 198 10.54 19.86 23.69
CA GLU B 198 11.50 20.46 22.77
C GLU B 198 10.94 21.64 22.01
N LYS B 199 9.64 21.90 22.10
CA LYS B 199 8.99 23.03 21.44
C LYS B 199 8.99 22.87 19.92
N VAL B 200 8.83 21.63 19.45
CA VAL B 200 8.54 21.39 18.03
C VAL B 200 7.04 21.36 17.80
N ILE B 201 6.28 20.81 18.75
CA ILE B 201 4.83 20.89 18.76
C ILE B 201 4.42 21.56 20.05
N VAL B 202 3.39 22.38 20.00
CA VAL B 202 2.94 23.03 21.18
C VAL B 202 1.49 22.75 21.22
N TYR B 203 0.95 22.28 22.32
CA TYR B 203 -0.48 22.06 22.33
C TYR B 203 -1.06 23.29 23.09
N LYS B 204 -1.67 24.27 22.43
CA LYS B 204 -2.24 25.48 23.07
C LYS B 204 -3.65 25.63 22.52
N ASN B 205 -4.46 26.45 23.17
CA ASN B 205 -5.80 26.75 22.64
C ASN B 205 -6.60 25.57 22.23
N SER B 206 -6.52 24.52 23.02
CA SER B 206 -7.24 23.30 22.76
C SER B 206 -6.86 22.83 21.29
N CYS B 207 -5.63 23.05 20.79
CA CYS B 207 -5.28 22.62 19.41
C CYS B 207 -3.76 22.53 19.20
N PHE B 208 -3.27 21.73 18.29
CA PHE B 208 -1.85 21.62 18.07
C PHE B 208 -1.25 22.62 17.09
N TYR B 209 -0.09 23.14 17.42
CA TYR B 209 0.68 24.01 16.54
C TYR B 209 2.05 23.37 16.32
N VAL B 210 2.62 23.60 15.15
CA VAL B 210 3.95 23.09 14.80
C VAL B 210 4.88 24.29 14.61
N GLN B 211 5.98 24.31 15.37
CA GLN B 211 6.92 25.42 15.34
C GLN B 211 8.29 25.05 14.80
N ASN B 212 8.57 23.76 14.57
CA ASN B 212 9.84 23.31 13.99
C ASN B 212 9.53 22.20 12.98
N LEU B 213 8.93 22.60 11.85
CA LEU B 213 8.63 21.64 10.79
C LEU B 213 9.87 20.86 10.35
N ASP B 214 11.05 21.51 10.40
CA ASP B 214 12.27 20.85 9.95
C ASP B 214 12.53 19.55 10.70
N TYR B 215 12.16 19.49 11.98
CA TYR B 215 12.39 18.26 12.76
C TYR B 215 11.55 17.12 12.22
N LEU B 216 10.25 17.36 12.00
CA LEU B 216 9.39 16.35 11.41
C LEU B 216 9.88 15.94 10.02
N LYS B 217 10.25 16.91 9.19
CA LYS B 217 10.74 16.57 7.86
C LYS B 217 12.04 15.79 7.91
N ARG B 218 12.85 15.99 8.96
CA ARG B 218 14.14 15.34 9.04
C ARG B 218 14.03 13.90 9.55
N TYR B 219 13.13 13.65 10.52
CA TYR B 219 12.99 12.31 11.06
C TYR B 219 11.84 11.53 10.42
N ALA B 220 11.29 12.04 9.32
CA ALA B 220 10.33 11.28 8.50
C ALA B 220 10.59 11.64 7.04
N PRO B 221 11.80 11.40 6.55
CA PRO B 221 12.17 11.94 5.23
C PRO B 221 11.34 11.38 4.08
N LYS B 222 11.11 10.06 4.05
CA LYS B 222 10.45 9.48 2.88
C LYS B 222 9.02 9.97 2.73
N LEU B 223 8.32 10.24 3.84
CA LEU B 223 6.97 10.79 3.71
C LEU B 223 6.99 12.22 3.20
N ASP B 224 7.98 13.01 3.62
CA ASP B 224 8.15 14.34 3.07
C ASP B 224 8.37 14.27 1.56
N GLU B 225 9.23 13.35 1.13
CA GLU B 225 9.46 13.12 -0.29
C GLU B 225 8.15 12.72 -0.98
N TRP B 226 7.38 11.83 -0.37
CA TRP B 226 6.12 11.38 -0.96
C TRP B 226 5.17 12.55 -1.13
N PHE B 227 5.03 13.39 -0.10
CA PHE B 227 4.16 14.54 -0.23
C PHE B 227 4.62 15.47 -1.34
N TYR B 228 5.94 15.65 -1.47
CA TYR B 228 6.46 16.47 -2.55
C TYR B 228 6.10 15.89 -3.91
N LEU B 229 6.27 14.57 -4.07
CA LEU B 229 6.12 13.95 -5.38
C LEU B 229 4.65 13.75 -5.78
N ALA B 230 3.76 13.60 -4.81
CA ALA B 230 2.36 13.30 -5.10
C ALA B 230 1.40 14.43 -4.72
N CYS B 231 1.80 15.32 -3.81
CA CYS B 231 0.98 16.47 -3.43
C CYS B 231 1.85 17.72 -3.40
N PRO B 232 2.51 18.05 -4.51
CA PRO B 232 3.41 19.22 -4.51
C PRO B 232 2.68 20.53 -4.27
N ALA B 233 1.40 20.63 -4.65
CA ALA B 233 0.64 21.84 -4.36
C ALA B 233 0.59 22.09 -2.85
N THR B 234 0.21 21.08 -2.08
CA THR B 234 0.18 21.22 -0.63
C THR B 234 1.60 21.37 -0.07
N TRP B 235 2.54 20.58 -0.59
CA TRP B 235 3.90 20.61 -0.07
C TRP B 235 4.53 21.99 -0.20
N GLY B 236 4.22 22.70 -1.29
CA GLY B 236 4.80 24.02 -1.51
C GLY B 236 4.23 25.07 -0.59
N LYS B 237 2.97 24.91 -0.17
CA LYS B 237 2.38 25.90 0.73
C LYS B 237 3.22 26.10 1.98
N LEU B 238 3.72 25.02 2.56
CA LEU B 238 4.49 25.07 3.80
C LEU B 238 5.99 24.98 3.57
N ASN B 239 6.44 25.10 2.32
CA ASN B 239 7.88 25.08 2.01
C ASN B 239 8.23 26.17 1.01
N PRO C 3 -3.84 9.10 0.15
CA PRO C 3 -4.33 8.52 1.40
C PRO C 3 -4.73 9.68 2.36
N ARG C 4 -4.12 9.95 3.51
CA ARG C 4 -4.52 11.10 4.25
C ARG C 4 -3.41 12.02 3.88
N PRO D 3 1.78 -8.32 -4.56
CA PRO D 3 3.21 -8.30 -4.89
C PRO D 3 3.73 -9.72 -5.12
N ARG D 4 3.73 -10.52 -4.06
CA ARG D 4 4.20 -11.89 -4.12
C ARG D 4 3.03 -12.86 -3.97
#